data_8PKX
#
_entry.id   8PKX
#
_cell.length_a   162.430
_cell.length_b   68.877
_cell.length_c   78.252
_cell.angle_alpha   90.000
_cell.angle_beta   117.676
_cell.angle_gamma   90.000
#
_symmetry.space_group_name_H-M   'C 1 2 1'
#
loop_
_entity.id
_entity.type
_entity.pdbx_description
1 polymer 'Kelch-like ECH-associated protein 1'
2 polymer CP11
3 non-polymer 'CHLORIDE ION'
4 non-polymer 1,2-ETHANEDIOL
5 non-polymer GLYCEROL
6 non-polymer 'SODIUM ION'
7 non-polymer 'SULFATE ION'
8 non-polymer (2-methylphenyl)methanol
9 water water
#
loop_
_entity_poly.entity_id
_entity_poly.type
_entity_poly.pdbx_seq_one_letter_code
_entity_poly.pdbx_strand_id
1 'polypeptide(L)'
;GHMKPTQVMPSRAPKVGRLIYTAGGYFRQSLSYLEAYNPSDGTWLRLADLQVPRSGLAGCVVGGLLYAVGGRNNSPDGNT
DSSALDCYNPMTNQWSPCAPMSVPRNRIGVGVIDGHIYAVGGSHGCIHHNSVERYEPERDEWHLVAPMLTRRIGVGVAVL
NRLLYAVGGFDGTNRLNSAECYYPERNEWRMITAMNTIRSGAGVCVLHNCIYAAGGYDGQDQLNSVERYDVATATWTFVA
PMKHRRSALGITVHQGRIYVLGGYDGHTFLDSVECYDPDTDTWSEVTRMTSGRSGVGVAVTMEPSRKQIDQQNSTS
;
A,B
2 'polypeptide(L)' (ACE)WRCNPET(DAL)EC(NH2) P
#
# COMPACT_ATOMS: atom_id res chain seq x y z
N VAL A 16 16.71 7.49 16.68
CA VAL A 16 16.13 7.78 17.99
C VAL A 16 15.09 6.73 18.35
N GLY A 17 14.92 6.49 19.64
CA GLY A 17 13.97 5.51 20.10
C GLY A 17 12.54 5.99 19.99
N ARG A 18 11.62 5.03 19.91
CA ARG A 18 10.20 5.32 19.82
C ARG A 18 9.50 4.77 21.05
N LEU A 19 8.44 5.46 21.49
CA LEU A 19 7.69 5.10 22.68
C LEU A 19 6.23 4.86 22.30
N ILE A 20 5.53 4.18 23.20
CA ILE A 20 4.09 3.93 23.05
C ILE A 20 3.37 5.00 23.85
N TYR A 21 2.68 5.90 23.17
CA TYR A 21 2.00 7.01 23.83
C TYR A 21 0.55 6.64 24.08
N THR A 22 0.05 6.89 25.28
CA THR A 22 -1.36 6.70 25.56
C THR A 22 -1.95 8.04 25.99
N ALA A 23 -3.05 8.43 25.36
CA ALA A 23 -3.67 9.74 25.60
C ALA A 23 -5.09 9.54 26.12
N GLY A 24 -5.45 10.29 27.16
CA GLY A 24 -6.85 10.30 27.58
C GLY A 24 -7.28 8.99 28.22
N GLY A 25 -8.58 8.69 28.10
CA GLY A 25 -9.14 7.47 28.65
C GLY A 25 -10.20 7.78 29.70
N TYR A 26 -10.67 6.73 30.37
CA TYR A 26 -11.76 6.87 31.33
C TYR A 26 -11.48 6.04 32.57
N PHE A 27 -11.62 6.67 33.74
CA PHE A 27 -11.76 5.95 35.01
C PHE A 27 -12.52 6.89 35.94
N ARG A 28 -13.79 6.57 36.19
CA ARG A 28 -14.74 7.39 36.95
C ARG A 28 -15.15 8.65 36.17
N GLN A 29 -14.18 9.29 35.53
N GLN A 29 -14.17 9.32 35.55
CA GLN A 29 -14.43 10.40 34.62
CA GLN A 29 -14.44 10.41 34.62
C GLN A 29 -13.40 10.34 33.51
C GLN A 29 -13.43 10.30 33.49
N SER A 30 -13.60 11.13 32.47
CA SER A 30 -12.63 11.17 31.37
C SER A 30 -11.32 11.77 31.87
N LEU A 31 -10.21 11.38 31.22
CA LEU A 31 -8.87 11.67 31.73
C LEU A 31 -8.07 12.54 30.76
N SER A 32 -7.11 13.30 31.29
CA SER A 32 -6.27 14.17 30.49
CA SER A 32 -6.29 14.14 30.44
C SER A 32 -4.86 13.64 30.32
N TYR A 33 -4.56 12.46 30.87
CA TYR A 33 -3.18 11.95 30.90
C TYR A 33 -2.61 11.79 29.50
N LEU A 34 -1.35 12.17 29.34
CA LEU A 34 -0.53 11.70 28.23
C LEU A 34 0.68 11.05 28.88
N GLU A 35 0.84 9.75 28.66
CA GLU A 35 1.98 9.00 29.19
C GLU A 35 2.59 8.16 28.08
N ALA A 36 3.89 7.93 28.17
CA ALA A 36 4.59 7.22 27.10
C ALA A 36 5.44 6.12 27.70
N TYR A 37 5.25 4.91 27.20
CA TYR A 37 5.89 3.71 27.70
C TYR A 37 7.10 3.36 26.84
N ASN A 38 8.20 3.02 27.50
CA ASN A 38 9.42 2.60 26.83
C ASN A 38 9.57 1.09 26.96
N PRO A 39 9.33 0.30 25.91
CA PRO A 39 9.31 -1.15 26.09
C PRO A 39 10.67 -1.72 26.46
N SER A 40 11.75 -0.99 26.20
CA SER A 40 13.09 -1.48 26.54
CA SER A 40 13.08 -1.49 26.54
C SER A 40 13.39 -1.28 28.02
N ASP A 41 13.28 -0.04 28.51
CA ASP A 41 13.64 0.21 29.90
C ASP A 41 12.46 0.21 30.86
N GLY A 42 11.25 -0.03 30.36
CA GLY A 42 10.09 -0.26 31.21
C GLY A 42 9.42 0.97 31.80
N THR A 43 9.96 2.17 31.57
CA THR A 43 9.43 3.35 32.25
C THR A 43 8.16 3.86 31.58
N TRP A 44 7.37 4.58 32.38
CA TRP A 44 6.28 5.43 31.91
C TRP A 44 6.67 6.88 32.16
N LEU A 45 6.68 7.66 31.09
CA LEU A 45 7.00 9.08 31.17
C LEU A 45 5.69 9.85 31.20
N ARG A 46 5.56 10.80 32.13
CA ARG A 46 4.35 11.63 32.20
C ARG A 46 4.60 12.91 31.42
N LEU A 47 3.72 13.20 30.45
CA LEU A 47 3.95 14.28 29.50
C LEU A 47 2.81 15.30 29.62
N ALA A 48 2.83 16.33 28.77
CA ALA A 48 1.83 17.40 28.87
C ALA A 48 0.41 16.85 28.80
N ASP A 49 -0.47 17.34 29.70
CA ASP A 49 -1.86 16.91 29.71
C ASP A 49 -2.58 17.37 28.44
N LEU A 50 -3.54 16.56 27.98
CA LEU A 50 -4.53 17.05 27.02
C LEU A 50 -5.16 18.34 27.54
N GLN A 51 -5.47 19.24 26.61
N GLN A 51 -5.50 19.24 26.62
CA GLN A 51 -6.16 20.47 27.00
CA GLN A 51 -6.15 20.47 27.02
C GLN A 51 -7.49 20.15 27.68
C GLN A 51 -7.55 20.24 27.55
N VAL A 52 -8.18 19.12 27.18
CA VAL A 52 -9.52 18.75 27.64
C VAL A 52 -9.53 17.25 27.93
N PRO A 53 -10.04 16.81 29.08
CA PRO A 53 -10.10 15.37 29.35
C PRO A 53 -11.02 14.68 28.35
N ARG A 54 -10.59 13.55 27.83
CA ARG A 54 -11.37 12.86 26.80
C ARG A 54 -11.19 11.36 26.92
N SER A 55 -12.29 10.64 26.78
CA SER A 55 -12.28 9.19 26.62
C SER A 55 -12.91 8.86 25.28
N GLY A 56 -12.70 7.63 24.81
CA GLY A 56 -13.29 7.21 23.55
C GLY A 56 -12.69 7.90 22.34
N LEU A 57 -11.50 8.47 22.48
CA LEU A 57 -10.78 9.11 21.40
C LEU A 57 -9.91 8.08 20.70
N ALA A 58 -9.30 8.47 19.58
CA ALA A 58 -8.31 7.64 18.92
C ALA A 58 -7.02 8.43 18.78
N GLY A 59 -5.88 7.73 18.73
CA GLY A 59 -4.60 8.37 18.49
C GLY A 59 -4.05 7.92 17.14
N CYS A 60 -3.24 8.77 16.52
CA CYS A 60 -2.47 8.36 15.36
C CYS A 60 -1.30 9.31 15.22
N VAL A 61 -0.37 8.95 14.33
N VAL A 61 -0.37 8.93 14.35
CA VAL A 61 0.84 9.74 14.15
CA VAL A 61 0.82 9.73 14.11
C VAL A 61 1.00 10.04 12.67
C VAL A 61 0.88 10.08 12.63
N VAL A 62 1.23 11.33 12.34
CA VAL A 62 1.53 11.75 10.98
C VAL A 62 2.72 12.69 11.06
N GLY A 63 3.77 12.39 10.30
CA GLY A 63 4.96 13.24 10.31
C GLY A 63 5.58 13.42 11.68
N GLY A 64 5.59 12.37 12.50
CA GLY A 64 6.16 12.43 13.82
C GLY A 64 5.30 13.08 14.88
N LEU A 65 4.19 13.71 14.50
CA LEU A 65 3.30 14.39 15.45
C LEU A 65 2.19 13.44 15.88
N LEU A 66 1.85 13.46 17.17
CA LEU A 66 0.77 12.63 17.71
C LEU A 66 -0.56 13.39 17.68
N TYR A 67 -1.60 12.78 17.14
CA TYR A 67 -2.89 13.43 17.04
C TYR A 67 -3.89 12.72 17.94
N ALA A 68 -4.67 13.50 18.68
CA ALA A 68 -5.77 12.98 19.49
C ALA A 68 -7.08 13.42 18.83
N VAL A 69 -7.95 12.46 18.49
CA VAL A 69 -9.10 12.70 17.61
C VAL A 69 -10.37 12.30 18.33
N GLY A 70 -11.32 13.24 18.43
CA GLY A 70 -12.68 12.92 18.88
C GLY A 70 -12.75 12.59 20.36
N GLY A 71 -13.71 11.74 20.72
CA GLY A 71 -13.90 11.32 22.08
C GLY A 71 -15.04 12.04 22.76
N ARG A 72 -14.96 12.09 24.09
CA ARG A 72 -16.05 12.59 24.91
C ARG A 72 -15.45 13.02 26.25
N ASN A 73 -15.90 14.15 26.75
CA ASN A 73 -15.48 14.59 28.08
C ASN A 73 -16.60 14.26 29.06
N ASN A 74 -16.45 13.12 29.75
CA ASN A 74 -17.29 12.78 30.88
C ASN A 74 -16.68 13.44 32.12
N SER A 75 -17.43 14.34 32.74
CA SER A 75 -16.95 15.11 33.87
CA SER A 75 -16.95 15.11 33.87
C SER A 75 -18.08 15.22 34.89
N PRO A 76 -17.74 15.46 36.16
CA PRO A 76 -18.80 15.63 37.16
C PRO A 76 -19.69 16.83 36.87
N ASP A 77 -19.23 17.79 36.07
CA ASP A 77 -20.00 18.98 35.74
C ASP A 77 -20.93 18.77 34.55
N GLY A 78 -20.72 17.72 33.78
CA GLY A 78 -21.49 17.48 32.57
C GLY A 78 -20.66 16.74 31.55
N ASN A 79 -21.35 16.15 30.57
CA ASN A 79 -20.73 15.30 29.58
C ASN A 79 -20.94 15.88 28.19
N THR A 80 -19.90 15.84 27.37
CA THR A 80 -20.01 16.38 26.02
C THR A 80 -19.14 15.58 25.08
N ASP A 81 -19.71 15.18 23.95
CA ASP A 81 -18.90 14.55 22.90
C ASP A 81 -17.98 15.60 22.29
N SER A 82 -16.89 15.16 21.67
CA SER A 82 -15.88 16.09 21.18
C SER A 82 -15.66 15.90 19.70
N SER A 83 -15.60 17.01 18.95
CA SER A 83 -15.16 17.03 17.56
C SER A 83 -13.69 17.38 17.43
N ALA A 84 -12.99 17.53 18.54
CA ALA A 84 -11.70 18.21 18.50
C ALA A 84 -10.64 17.33 17.86
N LEU A 85 -9.67 17.99 17.23
CA LEU A 85 -8.43 17.36 16.78
C LEU A 85 -7.32 18.16 17.43
N ASP A 86 -6.42 17.47 18.15
CA ASP A 86 -5.29 18.14 18.81
C ASP A 86 -4.00 17.40 18.48
N CYS A 87 -2.89 18.15 18.50
N CYS A 87 -2.90 18.13 18.40
CA CYS A 87 -1.62 17.65 17.99
CA CYS A 87 -1.67 17.46 17.99
C CYS A 87 -0.55 17.82 19.06
C CYS A 87 -0.55 17.79 18.97
N TYR A 88 0.17 16.75 19.36
CA TYR A 88 1.23 16.78 20.35
C TYR A 88 2.58 16.68 19.64
N ASN A 89 3.50 17.60 19.97
CA ASN A 89 4.85 17.57 19.41
C ASN A 89 5.83 17.06 20.47
N PRO A 90 6.41 15.86 20.31
CA PRO A 90 7.39 15.37 21.31
C PRO A 90 8.61 16.25 21.42
N MET A 91 8.92 17.03 20.39
CA MET A 91 10.11 17.86 20.43
CA MET A 91 10.10 17.89 20.40
C MET A 91 9.92 19.08 21.33
N THR A 92 8.69 19.50 21.56
CA THR A 92 8.39 20.61 22.43
C THR A 92 7.60 20.22 23.67
N ASN A 93 7.08 18.99 23.73
CA ASN A 93 6.17 18.55 24.80
C ASN A 93 4.99 19.51 24.93
N GLN A 94 4.43 19.94 23.80
CA GLN A 94 3.31 20.88 23.78
C GLN A 94 2.19 20.34 22.89
N TRP A 95 0.95 20.53 23.35
CA TRP A 95 -0.23 20.29 22.55
C TRP A 95 -0.62 21.56 21.81
N SER A 96 -1.16 21.40 20.60
CA SER A 96 -1.67 22.52 19.81
C SER A 96 -2.98 22.06 19.21
N PRO A 97 -4.00 22.91 19.20
N PRO A 97 -3.99 22.92 19.20
CA PRO A 97 -5.27 22.52 18.57
CA PRO A 97 -5.25 22.56 18.55
C PRO A 97 -5.17 22.55 17.06
C PRO A 97 -5.11 22.50 17.04
N CYS A 98 -5.99 21.71 16.43
CA CYS A 98 -6.18 21.69 15.00
C CYS A 98 -7.63 22.04 14.68
N ALA A 99 -7.92 22.24 13.39
CA ALA A 99 -9.32 22.39 12.99
C ALA A 99 -10.11 21.18 13.45
N PRO A 100 -11.33 21.39 13.98
CA PRO A 100 -12.14 20.26 14.44
C PRO A 100 -12.86 19.57 13.30
N MET A 101 -13.36 18.36 13.60
CA MET A 101 -14.19 17.63 12.66
C MET A 101 -15.54 18.28 12.51
N SER A 102 -16.27 17.84 11.47
CA SER A 102 -17.60 18.38 11.19
C SER A 102 -18.60 18.05 12.28
N VAL A 103 -18.39 16.98 13.04
CA VAL A 103 -19.35 16.53 14.04
CA VAL A 103 -19.35 16.52 14.03
C VAL A 103 -18.56 15.90 15.18
N PRO A 104 -19.07 15.97 16.42
CA PRO A 104 -18.43 15.19 17.50
C PRO A 104 -18.53 13.70 17.23
N ARG A 105 -17.50 12.97 17.65
CA ARG A 105 -17.41 11.54 17.39
C ARG A 105 -16.81 10.88 18.63
N ASN A 106 -17.67 10.39 19.52
CA ASN A 106 -17.25 9.56 20.63
C ASN A 106 -17.11 8.12 20.14
N ARG A 107 -16.15 7.40 20.72
CA ARG A 107 -15.87 6.00 20.33
C ARG A 107 -15.60 5.89 18.84
N ILE A 108 -14.66 6.72 18.40
CA ILE A 108 -14.25 6.90 17.02
C ILE A 108 -13.20 5.86 16.67
N GLY A 109 -13.03 5.60 15.38
CA GLY A 109 -11.84 4.92 14.88
C GLY A 109 -11.17 5.81 13.84
N VAL A 110 -9.83 5.70 13.74
CA VAL A 110 -9.09 6.49 12.76
C VAL A 110 -8.04 5.64 12.05
N GLY A 111 -7.69 6.09 10.85
CA GLY A 111 -6.61 5.49 10.08
C GLY A 111 -5.92 6.57 9.27
N VAL A 112 -4.67 6.29 8.90
CA VAL A 112 -3.85 7.25 8.16
C VAL A 112 -3.55 6.66 6.79
N ILE A 113 -3.81 7.44 5.74
CA ILE A 113 -3.45 7.04 4.38
C ILE A 113 -2.79 8.22 3.69
N ASP A 114 -1.56 8.01 3.23
CA ASP A 114 -0.81 9.02 2.49
C ASP A 114 -0.80 10.36 3.23
N GLY A 115 -0.55 10.31 4.54
CA GLY A 115 -0.40 11.52 5.31
C GLY A 115 -1.69 12.23 5.68
N HIS A 116 -2.84 11.63 5.38
CA HIS A 116 -4.14 12.18 5.76
C HIS A 116 -4.80 11.31 6.82
N ILE A 117 -5.51 11.94 7.75
CA ILE A 117 -6.19 11.26 8.83
C ILE A 117 -7.66 11.03 8.45
N TYR A 118 -8.12 9.79 8.55
CA TYR A 118 -9.51 9.48 8.29
C TYR A 118 -10.19 9.23 9.64
N ALA A 119 -11.27 9.95 9.90
CA ALA A 119 -12.08 9.77 11.09
C ALA A 119 -13.35 9.03 10.71
N VAL A 120 -13.63 7.93 11.42
CA VAL A 120 -14.63 6.94 11.01
C VAL A 120 -15.65 6.75 12.13
N GLY A 121 -16.93 6.98 11.82
CA GLY A 121 -17.99 6.52 12.70
C GLY A 121 -18.01 7.27 14.01
N GLY A 122 -18.34 6.56 15.09
CA GLY A 122 -18.47 7.18 16.40
C GLY A 122 -19.90 7.67 16.64
N SER A 123 -20.14 8.24 17.82
CA SER A 123 -21.47 8.72 18.16
C SER A 123 -21.43 10.18 18.59
N HIS A 124 -22.57 10.83 18.44
CA HIS A 124 -22.83 12.16 19.00
C HIS A 124 -24.22 12.09 19.63
N GLY A 125 -24.25 12.02 20.95
CA GLY A 125 -25.53 11.83 21.62
C GLY A 125 -26.14 10.52 21.16
N CYS A 126 -27.38 10.56 20.67
CA CYS A 126 -28.02 9.37 20.13
CA CYS A 126 -28.03 9.39 20.12
C CYS A 126 -27.68 9.14 18.67
N ILE A 127 -26.93 10.02 18.03
CA ILE A 127 -26.59 9.83 16.62
C ILE A 127 -25.43 8.84 16.52
N HIS A 128 -25.65 7.75 15.77
CA HIS A 128 -24.59 6.80 15.45
C HIS A 128 -24.15 7.04 14.01
N HIS A 129 -22.90 7.48 13.84
CA HIS A 129 -22.44 7.96 12.55
C HIS A 129 -22.12 6.80 11.63
N ASN A 130 -22.57 6.92 10.38
CA ASN A 130 -21.90 6.20 9.30
C ASN A 130 -20.96 7.12 8.54
N SER A 131 -20.95 8.41 8.85
CA SER A 131 -20.15 9.34 8.08
C SER A 131 -18.66 9.17 8.38
N VAL A 132 -17.84 9.64 7.43
CA VAL A 132 -16.39 9.54 7.48
C VAL A 132 -15.84 10.86 6.95
N GLU A 133 -14.77 11.36 7.55
CA GLU A 133 -14.14 12.57 7.04
C GLU A 133 -12.63 12.46 7.09
N ARG A 134 -11.97 13.27 6.26
CA ARG A 134 -10.53 13.18 6.04
C ARG A 134 -9.86 14.51 6.39
N TYR A 135 -8.76 14.44 7.14
CA TYR A 135 -8.02 15.63 7.56
C TYR A 135 -6.73 15.73 6.77
N GLU A 136 -6.43 16.93 6.28
CA GLU A 136 -5.18 17.19 5.58
C GLU A 136 -4.30 18.08 6.44
N PRO A 137 -3.23 17.56 7.05
CA PRO A 137 -2.42 18.41 7.92
C PRO A 137 -1.83 19.60 7.20
N GLU A 138 -1.45 19.45 5.93
CA GLU A 138 -0.78 20.55 5.26
C GLU A 138 -1.72 21.73 5.05
N ARG A 139 -3.03 21.54 5.15
CA ARG A 139 -3.97 22.63 5.00
C ARG A 139 -4.81 22.86 6.26
N ASP A 140 -4.67 22.03 7.28
CA ASP A 140 -5.49 22.07 8.50
C ASP A 140 -6.97 22.18 8.14
N GLU A 141 -7.44 21.21 7.34
CA GLU A 141 -8.82 21.17 6.85
C GLU A 141 -9.35 19.75 6.89
N TRP A 142 -10.61 19.63 7.30
CA TRP A 142 -11.36 18.38 7.21
C TRP A 142 -12.31 18.46 6.03
N HIS A 143 -12.51 17.33 5.35
CA HIS A 143 -13.52 17.24 4.31
C HIS A 143 -14.24 15.91 4.40
N LEU A 144 -15.56 15.94 4.23
CA LEU A 144 -16.32 14.70 4.31
CA LEU A 144 -16.36 14.72 4.28
C LEU A 144 -16.07 13.83 3.08
N VAL A 145 -16.00 12.52 3.31
CA VAL A 145 -15.88 11.57 2.19
C VAL A 145 -17.13 10.69 2.20
N ALA A 146 -17.14 9.65 1.35
CA ALA A 146 -18.34 8.82 1.28
C ALA A 146 -18.61 8.13 2.62
N PRO A 147 -19.86 8.07 3.06
CA PRO A 147 -20.16 7.41 4.33
C PRO A 147 -20.07 5.90 4.21
N MET A 148 -19.87 5.24 5.36
CA MET A 148 -19.85 3.79 5.41
C MET A 148 -21.21 3.21 5.05
N LEU A 149 -21.21 1.92 4.73
CA LEU A 149 -22.46 1.21 4.51
C LEU A 149 -23.23 1.00 5.80
N THR A 150 -22.57 1.19 6.95
CA THR A 150 -23.08 0.82 8.25
C THR A 150 -22.78 1.92 9.25
N ARG A 151 -23.73 2.23 10.13
CA ARG A 151 -23.40 3.07 11.27
C ARG A 151 -22.58 2.26 12.28
N ARG A 152 -21.45 2.82 12.73
CA ARG A 152 -20.52 2.07 13.57
C ARG A 152 -19.95 2.97 14.66
N ILE A 153 -20.32 2.74 15.92
CA ILE A 153 -19.59 3.34 17.02
C ILE A 153 -18.76 2.25 17.68
N GLY A 154 -17.63 2.62 18.27
CA GLY A 154 -16.73 1.60 18.78
C GLY A 154 -16.14 0.77 17.65
N VAL A 155 -15.96 1.39 16.50
CA VAL A 155 -15.43 0.74 15.31
C VAL A 155 -13.91 0.68 15.38
N GLY A 156 -13.32 -0.44 14.96
CA GLY A 156 -11.88 -0.53 14.82
C GLY A 156 -11.48 -0.20 13.39
N VAL A 157 -10.34 0.48 13.23
CA VAL A 157 -9.93 0.96 11.92
C VAL A 157 -8.48 0.56 11.69
N ALA A 158 -8.18 0.07 10.50
CA ALA A 158 -6.81 -0.24 10.13
C ALA A 158 -6.63 0.09 8.66
N VAL A 159 -5.37 0.28 8.27
CA VAL A 159 -5.02 0.59 6.89
C VAL A 159 -4.08 -0.48 6.39
N LEU A 160 -4.42 -1.07 5.25
CA LEU A 160 -3.63 -2.11 4.63
C LEU A 160 -3.55 -1.81 3.15
N ASN A 161 -2.33 -1.64 2.65
CA ASN A 161 -2.09 -1.35 1.24
C ASN A 161 -2.91 -0.15 0.77
N ARG A 162 -2.93 0.89 1.60
N ARG A 162 -2.93 0.88 1.60
CA ARG A 162 -3.58 2.17 1.30
CA ARG A 162 -3.59 2.16 1.29
C ARG A 162 -5.09 2.03 1.15
C ARG A 162 -5.09 2.00 1.10
N LEU A 163 -5.67 0.94 1.67
CA LEU A 163 -7.11 0.80 1.79
C LEU A 163 -7.47 0.93 3.26
N LEU A 164 -8.62 1.54 3.53
CA LEU A 164 -9.08 1.80 4.89
C LEU A 164 -10.16 0.78 5.25
N TYR A 165 -9.94 0.04 6.32
CA TYR A 165 -10.88 -0.99 6.77
C TYR A 165 -11.56 -0.58 8.07
N ALA A 166 -12.88 -0.71 8.11
CA ALA A 166 -13.69 -0.43 9.30
C ALA A 166 -14.25 -1.75 9.80
N VAL A 167 -13.97 -2.10 11.05
CA VAL A 167 -14.16 -3.46 11.54
C VAL A 167 -15.05 -3.44 12.78
N GLY A 168 -16.17 -4.18 12.74
CA GLY A 168 -16.93 -4.29 13.97
C GLY A 168 -17.66 -3.01 14.34
N GLY A 169 -17.98 -2.91 15.63
CA GLY A 169 -18.67 -1.74 16.15
C GLY A 169 -20.08 -2.05 16.62
N PHE A 170 -20.85 -0.98 16.81
CA PHE A 170 -22.21 -1.03 17.33
C PHE A 170 -23.05 -0.04 16.55
N ASP A 171 -24.16 -0.49 15.96
CA ASP A 171 -24.94 0.37 15.09
C ASP A 171 -26.05 1.09 15.83
N GLY A 172 -26.05 1.04 17.16
CA GLY A 172 -27.12 1.57 17.98
C GLY A 172 -28.11 0.52 18.44
N THR A 173 -28.15 -0.63 17.77
CA THR A 173 -29.08 -1.69 18.14
C THR A 173 -28.32 -3.01 18.20
N ASN A 174 -27.51 -3.27 17.19
CA ASN A 174 -26.76 -4.52 17.06
C ASN A 174 -25.26 -4.26 17.15
N ARG A 175 -24.57 -5.11 17.88
CA ARG A 175 -23.13 -5.13 17.68
C ARG A 175 -22.80 -5.99 16.47
N LEU A 176 -21.63 -5.73 15.91
CA LEU A 176 -21.34 -6.09 14.53
C LEU A 176 -20.11 -6.99 14.43
N ASN A 177 -20.19 -8.01 13.58
CA ASN A 177 -18.99 -8.67 13.11
C ASN A 177 -18.62 -8.26 11.69
N SER A 178 -19.43 -7.41 11.06
CA SER A 178 -19.18 -7.06 9.68
C SER A 178 -17.96 -6.15 9.57
N ALA A 179 -17.32 -6.18 8.40
CA ALA A 179 -16.21 -5.28 8.12
C ALA A 179 -16.39 -4.76 6.70
N GLU A 180 -15.92 -3.53 6.46
CA GLU A 180 -16.00 -2.95 5.12
C GLU A 180 -14.71 -2.18 4.81
N CYS A 181 -14.50 -1.98 3.51
CA CYS A 181 -13.24 -1.48 2.98
C CYS A 181 -13.48 -0.24 2.14
N TYR A 182 -12.73 0.82 2.43
CA TYR A 182 -12.85 2.09 1.73
C TYR A 182 -11.73 2.24 0.71
N TYR A 183 -12.10 2.47 -0.55
CA TYR A 183 -11.16 2.70 -1.64
C TYR A 183 -11.03 4.20 -1.86
N PRO A 184 -9.97 4.85 -1.38
CA PRO A 184 -9.91 6.32 -1.41
C PRO A 184 -10.11 6.93 -2.79
N GLU A 185 -9.59 6.29 -3.83
CA GLU A 185 -9.63 6.94 -5.14
C GLU A 185 -10.93 6.66 -5.87
N ARG A 186 -11.64 5.61 -5.48
CA ARG A 186 -13.02 5.45 -5.91
C ARG A 186 -14.01 6.17 -4.99
N ASN A 187 -13.59 6.56 -3.80
CA ASN A 187 -14.47 7.16 -2.80
C ASN A 187 -15.72 6.30 -2.62
N GLU A 188 -15.48 5.06 -2.20
CA GLU A 188 -16.51 4.04 -2.21
C GLU A 188 -16.18 3.01 -1.13
N TRP A 189 -17.21 2.53 -0.42
CA TRP A 189 -17.07 1.47 0.57
C TRP A 189 -17.61 0.18 0.00
N ARG A 190 -16.95 -0.92 0.33
CA ARG A 190 -17.34 -2.25 -0.11
C ARG A 190 -17.28 -3.19 1.09
N MET A 191 -18.32 -3.99 1.27
CA MET A 191 -18.29 -4.99 2.33
C MET A 191 -17.23 -6.04 2.02
N ILE A 192 -16.60 -6.58 3.06
CA ILE A 192 -15.69 -7.71 2.93
C ILE A 192 -16.21 -8.85 3.80
N THR A 193 -15.43 -9.93 3.89
CA THR A 193 -15.81 -11.05 4.74
C THR A 193 -15.90 -10.61 6.19
N ALA A 194 -16.95 -11.04 6.88
CA ALA A 194 -17.16 -10.67 8.28
C ALA A 194 -16.23 -11.46 9.20
N MET A 195 -15.93 -10.86 10.35
CA MET A 195 -15.18 -11.56 11.40
C MET A 195 -15.95 -12.78 11.89
N ASN A 196 -15.19 -13.72 12.45
CA ASN A 196 -15.83 -14.84 13.13
C ASN A 196 -16.70 -14.38 14.30
N THR A 197 -16.30 -13.30 14.96
CA THR A 197 -16.84 -12.89 16.26
C THR A 197 -17.37 -11.46 16.21
N ILE A 198 -18.57 -11.25 16.76
CA ILE A 198 -19.10 -9.91 16.92
C ILE A 198 -18.27 -9.14 17.94
N ARG A 199 -17.87 -7.91 17.60
CA ARG A 199 -16.99 -7.12 18.45
C ARG A 199 -17.32 -5.65 18.33
N SER A 200 -17.65 -5.00 19.45
CA SER A 200 -17.60 -3.55 19.53
CA SER A 200 -17.64 -3.55 19.57
C SER A 200 -16.53 -3.14 20.53
N GLY A 201 -15.85 -2.04 20.24
CA GLY A 201 -14.78 -1.61 21.12
C GLY A 201 -13.59 -2.55 21.15
N ALA A 202 -13.33 -3.22 20.03
CA ALA A 202 -12.14 -4.05 19.86
C ALA A 202 -10.95 -3.17 19.55
N GLY A 203 -9.75 -3.72 19.73
CA GLY A 203 -8.55 -3.07 19.26
C GLY A 203 -8.24 -3.65 17.88
N VAL A 204 -8.09 -2.77 16.91
CA VAL A 204 -7.85 -3.19 15.55
C VAL A 204 -6.60 -2.49 15.04
N CYS A 205 -5.70 -3.26 14.42
CA CYS A 205 -4.45 -2.71 13.90
C CYS A 205 -3.93 -3.61 12.81
N VAL A 206 -2.85 -3.18 12.16
N VAL A 206 -2.84 -3.19 12.17
CA VAL A 206 -2.22 -3.93 11.09
CA VAL A 206 -2.22 -3.92 11.08
C VAL A 206 -0.84 -4.36 11.56
C VAL A 206 -0.83 -4.35 11.51
N LEU A 207 -0.50 -5.63 11.29
CA LEU A 207 0.82 -6.16 11.61
C LEU A 207 1.20 -7.14 10.51
N HIS A 208 2.35 -6.90 9.87
CA HIS A 208 2.87 -7.80 8.85
C HIS A 208 1.80 -8.14 7.81
N ASN A 209 1.16 -7.11 7.26
CA ASN A 209 0.22 -7.26 6.17
C ASN A 209 -1.03 -8.04 6.55
N CYS A 210 -1.38 -8.07 7.83
CA CYS A 210 -2.65 -8.62 8.27
C CYS A 210 -3.31 -7.63 9.21
N ILE A 211 -4.64 -7.60 9.18
CA ILE A 211 -5.42 -6.83 10.14
C ILE A 211 -5.73 -7.74 11.33
N TYR A 212 -5.44 -7.26 12.54
CA TYR A 212 -5.77 -7.97 13.76
C TYR A 212 -6.93 -7.29 14.46
N ALA A 213 -7.88 -8.07 14.97
CA ALA A 213 -8.96 -7.56 15.81
C ALA A 213 -8.90 -8.32 17.12
N ALA A 214 -8.68 -7.58 18.22
CA ALA A 214 -8.43 -8.17 19.53
C ALA A 214 -9.47 -7.67 20.51
N GLY A 215 -10.09 -8.59 21.24
CA GLY A 215 -10.96 -8.20 22.33
C GLY A 215 -12.27 -7.58 21.85
N GLY A 216 -12.83 -6.73 22.69
CA GLY A 216 -14.12 -6.12 22.41
C GLY A 216 -15.24 -6.67 23.27
N TYR A 217 -16.46 -6.29 22.89
CA TYR A 217 -17.68 -6.65 23.60
C TYR A 217 -18.72 -7.08 22.58
N ASP A 218 -19.43 -8.17 22.85
CA ASP A 218 -20.40 -8.66 21.89
C ASP A 218 -21.83 -8.48 22.36
N GLY A 219 -22.05 -7.69 23.41
CA GLY A 219 -23.35 -7.55 24.01
C GLY A 219 -23.66 -8.55 25.10
N GLN A 220 -22.81 -9.56 25.32
CA GLN A 220 -22.98 -10.45 26.46
C GLN A 220 -21.69 -10.51 27.27
N ASP A 221 -20.57 -10.69 26.61
CA ASP A 221 -19.28 -10.84 27.29
C ASP A 221 -18.24 -9.89 26.72
N GLN A 222 -17.32 -9.47 27.57
CA GLN A 222 -16.07 -8.92 27.07
C GLN A 222 -15.21 -10.08 26.59
N LEU A 223 -14.37 -9.82 25.59
CA LEU A 223 -13.74 -10.89 24.83
C LEU A 223 -12.23 -10.86 25.03
N ASN A 224 -11.62 -12.06 25.00
CA ASN A 224 -10.17 -12.14 24.93
C ASN A 224 -9.70 -12.74 23.62
N SER A 225 -10.61 -13.14 22.75
CA SER A 225 -10.19 -13.76 21.49
C SER A 225 -9.63 -12.72 20.54
N VAL A 226 -8.81 -13.19 19.60
CA VAL A 226 -8.11 -12.35 18.66
C VAL A 226 -8.16 -13.03 17.29
N GLU A 227 -8.50 -12.29 16.25
CA GLU A 227 -8.50 -12.87 14.93
C GLU A 227 -7.82 -11.94 13.94
N ARG A 228 -7.42 -12.52 12.81
CA ARG A 228 -6.51 -11.85 11.89
C ARG A 228 -7.03 -12.06 10.48
N TYR A 229 -7.10 -10.97 9.72
CA TYR A 229 -7.61 -11.00 8.34
C TYR A 229 -6.44 -11.02 7.35
N ASP A 230 -6.50 -11.94 6.40
CA ASP A 230 -5.52 -12.01 5.32
C ASP A 230 -6.21 -11.52 4.04
N VAL A 231 -5.71 -10.43 3.48
CA VAL A 231 -6.34 -9.87 2.28
C VAL A 231 -6.21 -10.83 1.11
N ALA A 232 -5.13 -11.62 1.06
CA ALA A 232 -4.93 -12.54 -0.04
C ALA A 232 -6.01 -13.62 -0.06
N THR A 233 -6.35 -14.17 1.11
CA THR A 233 -7.35 -15.23 1.20
C THR A 233 -8.72 -14.71 1.59
N ALA A 234 -8.85 -13.43 1.94
CA ALA A 234 -10.11 -12.83 2.36
C ALA A 234 -10.78 -13.68 3.46
N THR A 235 -9.99 -14.06 4.46
CA THR A 235 -10.42 -14.96 5.52
C THR A 235 -9.95 -14.42 6.86
N TRP A 236 -10.81 -14.51 7.87
CA TRP A 236 -10.42 -14.24 9.24
C TRP A 236 -10.05 -15.54 9.94
N THR A 237 -8.95 -15.54 10.66
CA THR A 237 -8.48 -16.74 11.37
C THR A 237 -8.17 -16.38 12.82
N PHE A 238 -8.59 -17.22 13.75
CA PHE A 238 -8.25 -16.96 15.14
C PHE A 238 -6.77 -17.16 15.39
N VAL A 239 -6.16 -16.30 16.20
CA VAL A 239 -4.83 -16.58 16.73
C VAL A 239 -4.94 -16.75 18.23
N ALA A 240 -3.82 -16.70 18.94
CA ALA A 240 -3.86 -16.92 20.39
C ALA A 240 -4.69 -15.83 21.06
N PRO A 241 -5.50 -16.17 22.05
CA PRO A 241 -6.29 -15.15 22.73
C PRO A 241 -5.45 -14.41 23.76
N MET A 242 -5.89 -13.19 24.09
CA MET A 242 -5.26 -12.42 25.14
C MET A 242 -5.44 -13.11 26.50
N LYS A 243 -4.63 -12.67 27.47
CA LYS A 243 -4.75 -13.21 28.83
C LYS A 243 -6.00 -12.67 29.52
N HIS A 244 -6.34 -11.42 29.26
CA HIS A 244 -7.45 -10.75 29.92
C HIS A 244 -8.50 -10.34 28.90
N ARG A 245 -9.76 -10.70 29.16
CA ARG A 245 -10.86 -10.13 28.38
C ARG A 245 -10.89 -8.63 28.55
N ARG A 246 -11.19 -7.91 27.48
CA ARG A 246 -11.23 -6.46 27.59
C ARG A 246 -11.97 -5.85 26.42
N SER A 247 -12.79 -4.85 26.72
CA SER A 247 -13.45 -3.98 25.76
C SER A 247 -12.92 -2.57 25.95
N ALA A 248 -12.99 -1.76 24.88
CA ALA A 248 -12.50 -0.38 24.91
C ALA A 248 -11.01 -0.34 25.27
N LEU A 249 -10.24 -1.27 24.71
CA LEU A 249 -8.81 -1.30 24.87
C LEU A 249 -8.15 -0.36 23.84
N GLY A 250 -6.93 0.05 24.14
CA GLY A 250 -6.10 0.73 23.17
C GLY A 250 -5.15 -0.29 22.60
N ILE A 251 -4.74 -0.09 21.35
CA ILE A 251 -3.87 -1.05 20.67
C ILE A 251 -2.91 -0.27 19.80
N THR A 252 -1.69 -0.81 19.66
CA THR A 252 -0.74 -0.26 18.71
C THR A 252 0.29 -1.32 18.38
N VAL A 253 1.09 -1.03 17.36
CA VAL A 253 2.20 -1.90 16.95
C VAL A 253 3.50 -1.16 17.23
N HIS A 254 4.45 -1.87 17.84
CA HIS A 254 5.78 -1.34 18.11
C HIS A 254 6.81 -2.43 17.84
N GLN A 255 7.75 -2.15 16.94
CA GLN A 255 8.83 -3.07 16.57
C GLN A 255 8.30 -4.50 16.34
N GLY A 256 7.27 -4.60 15.50
CA GLY A 256 6.82 -5.92 15.07
C GLY A 256 5.98 -6.68 16.06
N ARG A 257 5.49 -6.03 17.11
CA ARG A 257 4.68 -6.69 18.12
C ARG A 257 3.47 -5.83 18.42
N ILE A 258 2.37 -6.46 18.75
CA ILE A 258 1.15 -5.74 19.10
C ILE A 258 1.16 -5.48 20.59
N TYR A 259 0.70 -4.29 20.99
CA TYR A 259 0.52 -3.94 22.39
C TYR A 259 -0.93 -3.57 22.62
N VAL A 260 -1.55 -4.16 23.64
N VAL A 260 -1.50 -4.10 23.69
CA VAL A 260 -2.91 -3.77 24.02
CA VAL A 260 -2.88 -3.83 24.07
C VAL A 260 -2.84 -3.17 25.41
C VAL A 260 -2.88 -3.20 25.45
N LEU A 261 -3.58 -2.08 25.61
CA LEU A 261 -3.49 -1.26 26.83
C LEU A 261 -4.87 -1.08 27.46
N GLY A 262 -5.00 -1.49 28.70
CA GLY A 262 -6.16 -1.10 29.48
C GLY A 262 -7.44 -1.74 28.96
N GLY A 263 -8.53 -1.04 29.16
CA GLY A 263 -9.83 -1.59 28.79
C GLY A 263 -10.66 -1.90 30.02
N TYR A 264 -11.80 -2.53 29.78
CA TYR A 264 -12.80 -2.79 30.80
C TYR A 264 -13.21 -4.25 30.67
N ASP A 265 -13.27 -4.98 31.79
CA ASP A 265 -13.55 -6.41 31.72
C ASP A 265 -14.89 -6.77 32.35
N GLY A 266 -15.80 -5.82 32.47
CA GLY A 266 -17.09 -6.05 33.09
C GLY A 266 -17.10 -5.74 34.58
N HIS A 267 -15.92 -5.62 35.20
N HIS A 267 -15.95 -5.58 35.20
CA HIS A 267 -15.76 -5.45 36.64
CA HIS A 267 -15.90 -5.13 36.59
C HIS A 267 -14.71 -4.42 37.03
C HIS A 267 -14.86 -4.06 36.80
N THR A 268 -13.68 -4.21 36.21
CA THR A 268 -12.52 -3.40 36.53
C THR A 268 -12.09 -2.64 35.28
N PHE A 269 -11.57 -1.44 35.49
CA PHE A 269 -10.85 -0.73 34.44
C PHE A 269 -9.38 -1.15 34.55
N LEU A 270 -8.90 -1.83 33.52
CA LEU A 270 -7.65 -2.57 33.61
C LEU A 270 -6.48 -1.62 33.45
N ASP A 271 -5.37 -1.92 34.15
CA ASP A 271 -4.10 -1.29 33.86
C ASP A 271 -3.13 -2.24 33.16
N SER A 272 -3.56 -3.47 32.88
CA SER A 272 -2.72 -4.45 32.23
C SER A 272 -2.34 -4.01 30.82
N VAL A 273 -1.08 -4.26 30.45
CA VAL A 273 -0.60 -4.11 29.08
C VAL A 273 -0.08 -5.46 28.63
N GLU A 274 -0.65 -5.99 27.55
CA GLU A 274 -0.17 -7.26 26.99
C GLU A 274 0.48 -7.02 25.63
N CYS A 275 1.35 -7.94 25.27
CA CYS A 275 2.18 -7.83 24.07
C CYS A 275 2.10 -9.13 23.28
N TYR A 276 1.75 -9.03 22.01
CA TYR A 276 1.63 -10.19 21.13
C TYR A 276 2.88 -10.34 20.27
N ASP A 277 3.50 -11.50 20.35
CA ASP A 277 4.64 -11.84 19.50
C ASP A 277 4.14 -12.72 18.37
N PRO A 278 4.09 -12.24 17.13
CA PRO A 278 3.52 -13.06 16.06
C PRO A 278 4.38 -14.25 15.70
N ASP A 279 5.70 -14.20 15.94
CA ASP A 279 6.56 -15.32 15.57
C ASP A 279 6.30 -16.55 16.42
N THR A 280 5.85 -16.36 17.66
CA THR A 280 5.55 -17.46 18.56
C THR A 280 4.06 -17.62 18.81
N ASP A 281 3.23 -16.70 18.29
CA ASP A 281 1.79 -16.69 18.55
C ASP A 281 1.51 -16.76 20.05
N THR A 282 2.15 -15.87 20.81
CA THR A 282 1.99 -15.84 22.26
CA THR A 282 2.03 -15.84 22.26
C THR A 282 1.76 -14.41 22.72
N TRP A 283 0.88 -14.27 23.72
CA TRP A 283 0.68 -13.02 24.44
C TRP A 283 1.44 -13.09 25.76
N SER A 284 1.96 -11.95 26.21
CA SER A 284 2.52 -11.86 27.54
C SER A 284 2.25 -10.48 28.11
N GLU A 285 2.08 -10.42 29.43
CA GLU A 285 1.89 -9.15 30.11
C GLU A 285 3.25 -8.51 30.31
N VAL A 286 3.44 -7.27 29.86
CA VAL A 286 4.77 -6.66 29.90
C VAL A 286 4.86 -5.50 30.89
N THR A 287 3.78 -4.79 31.18
CA THR A 287 3.83 -3.69 32.16
C THR A 287 2.43 -3.48 32.71
N ARG A 288 2.35 -2.57 33.67
N ARG A 288 2.32 -2.55 33.65
CA ARG A 288 1.11 -1.97 34.12
CA ARG A 288 1.02 -2.05 34.10
C ARG A 288 1.13 -0.49 33.77
C ARG A 288 1.03 -0.53 34.00
N MET A 289 -0.01 0.04 33.39
CA MET A 289 -0.18 1.49 33.34
C MET A 289 -0.20 2.04 34.77
N THR A 290 0.12 3.33 34.90
CA THR A 290 0.15 3.92 36.24
C THR A 290 -1.22 3.91 36.91
N SER A 291 -2.30 3.80 36.13
CA SER A 291 -3.63 3.65 36.69
C SER A 291 -4.54 3.04 35.63
N GLY A 292 -5.47 2.18 36.06
CA GLY A 292 -6.37 1.55 35.12
C GLY A 292 -7.29 2.53 34.40
N ARG A 293 -7.63 2.21 33.16
CA ARG A 293 -8.46 3.10 32.35
C ARG A 293 -8.89 2.35 31.10
N SER A 294 -10.00 2.82 30.52
CA SER A 294 -10.44 2.34 29.22
C SER A 294 -10.54 3.51 28.26
N GLY A 295 -10.79 3.20 27.00
CA GLY A 295 -11.11 4.23 26.04
C GLY A 295 -9.97 5.20 25.74
N VAL A 296 -8.72 4.72 25.74
CA VAL A 296 -7.56 5.56 25.45
C VAL A 296 -7.31 5.62 23.95
N GLY A 297 -6.58 6.65 23.52
CA GLY A 297 -5.99 6.70 22.18
C GLY A 297 -4.52 6.36 22.34
N VAL A 298 -4.01 5.53 21.43
N VAL A 298 -3.98 5.57 21.42
CA VAL A 298 -2.65 4.98 21.51
CA VAL A 298 -2.62 5.09 21.56
C VAL A 298 -1.97 5.15 20.16
C VAL A 298 -1.92 5.06 20.21
N ALA A 299 -0.69 5.55 20.16
CA ALA A 299 0.10 5.57 18.94
C ALA A 299 1.58 5.58 19.30
N VAL A 300 2.44 5.40 18.29
CA VAL A 300 3.88 5.30 18.52
C VAL A 300 4.60 6.41 17.77
N THR A 301 5.52 7.10 18.46
CA THR A 301 6.39 8.03 17.76
C THR A 301 7.65 8.26 18.59
N MET A 302 8.49 9.17 18.09
CA MET A 302 9.78 9.45 18.72
CA MET A 302 9.78 9.43 18.73
C MET A 302 9.61 9.85 20.18
N GLU A 303 10.60 9.53 20.99
CA GLU A 303 10.56 9.93 22.38
C GLU A 303 10.75 11.44 22.48
N PRO A 304 10.23 12.07 23.53
CA PRO A 304 10.37 13.54 23.64
C PRO A 304 11.80 13.94 23.83
N SER A 305 12.07 15.21 23.52
CA SER A 305 13.39 15.79 23.72
C SER A 305 13.49 16.40 25.13
N ARG A 306 14.70 16.76 25.51
CA ARG A 306 14.93 17.37 26.82
C ARG A 306 16.15 18.28 26.80
N ARG B 18 11.38 13.00 -7.46
CA ARG B 18 11.50 11.69 -8.12
C ARG B 18 11.16 11.78 -9.61
N LEU B 19 11.91 11.05 -10.42
CA LEU B 19 11.77 11.12 -11.86
C LEU B 19 11.35 9.77 -12.42
N ILE B 20 10.84 9.81 -13.64
CA ILE B 20 10.55 8.62 -14.43
C ILE B 20 11.74 8.40 -15.35
N TYR B 21 12.49 7.33 -15.10
CA TYR B 21 13.62 6.97 -15.94
C TYR B 21 13.18 6.01 -17.04
N THR B 22 13.66 6.25 -18.25
CA THR B 22 13.48 5.31 -19.35
C THR B 22 14.87 4.88 -19.83
N ALA B 23 15.07 3.57 -19.98
CA ALA B 23 16.35 2.99 -20.30
C ALA B 23 16.24 2.14 -21.55
N GLY B 24 17.20 2.29 -22.45
CA GLY B 24 17.20 1.46 -23.65
C GLY B 24 16.05 1.80 -24.57
N GLY B 25 15.68 0.81 -25.39
CA GLY B 25 14.65 0.95 -26.39
C GLY B 25 15.21 0.70 -27.78
N TYR B 26 14.35 0.91 -28.78
CA TYR B 26 14.73 0.61 -30.16
C TYR B 26 14.20 1.66 -31.12
N PHE B 27 15.09 2.14 -31.98
CA PHE B 27 14.72 2.88 -33.18
C PHE B 27 15.86 2.66 -34.17
N ARG B 28 15.58 1.92 -35.23
CA ARG B 28 16.57 1.47 -36.21
C ARG B 28 17.57 0.49 -35.61
N GLN B 29 17.94 0.65 -34.33
CA GLN B 29 18.72 -0.35 -33.60
C GLN B 29 18.43 -0.21 -32.12
N SER B 30 18.92 -1.18 -31.34
CA SER B 30 18.79 -1.14 -29.90
C SER B 30 19.59 0.05 -29.35
N LEU B 31 19.09 0.67 -28.28
CA LEU B 31 19.59 1.95 -27.81
C LEU B 31 20.25 1.84 -26.44
N SER B 32 21.07 2.84 -26.12
N SER B 32 21.07 2.84 -26.12
CA SER B 32 21.75 2.94 -24.84
CA SER B 32 21.73 2.92 -24.82
C SER B 32 21.20 4.05 -23.96
C SER B 32 21.29 4.14 -24.03
N TYR B 33 20.19 4.79 -24.42
CA TYR B 33 19.73 5.99 -23.74
C TYR B 33 19.26 5.68 -22.32
N LEU B 34 19.69 6.51 -21.38
CA LEU B 34 19.04 6.63 -20.07
C LEU B 34 18.65 8.10 -19.91
N GLU B 35 17.35 8.37 -19.96
CA GLU B 35 16.81 9.70 -19.79
C GLU B 35 15.77 9.67 -18.68
N ALA B 36 15.62 10.80 -17.98
CA ALA B 36 14.66 10.91 -16.89
C ALA B 36 13.76 12.12 -17.13
N TYR B 37 12.47 11.95 -16.86
CA TYR B 37 11.45 12.95 -17.14
C TYR B 37 10.84 13.44 -15.84
N ASN B 38 10.72 14.77 -15.71
CA ASN B 38 10.16 15.44 -14.54
C ASN B 38 8.74 15.89 -14.87
N PRO B 39 7.70 15.15 -14.44
CA PRO B 39 6.33 15.59 -14.74
C PRO B 39 5.99 16.96 -14.18
N SER B 40 6.69 17.41 -13.14
CA SER B 40 6.46 18.74 -12.56
C SER B 40 6.90 19.84 -13.51
N ASP B 41 8.22 19.94 -13.73
CA ASP B 41 8.79 20.96 -14.61
C ASP B 41 8.73 20.58 -16.09
N GLY B 42 8.22 19.39 -16.42
CA GLY B 42 8.18 18.96 -17.80
C GLY B 42 9.55 18.81 -18.44
N THR B 43 10.60 18.62 -17.65
CA THR B 43 11.97 18.65 -18.14
C THR B 43 12.52 17.25 -18.32
N TRP B 44 13.31 17.07 -19.38
CA TRP B 44 14.02 15.83 -19.65
C TRP B 44 15.51 16.02 -19.35
N LEU B 45 16.11 15.03 -18.71
CA LEU B 45 17.55 15.02 -18.45
C LEU B 45 18.16 13.77 -19.08
N ARG B 46 19.25 13.96 -19.81
CA ARG B 46 19.95 12.87 -20.46
C ARG B 46 21.12 12.44 -19.56
N LEU B 47 21.08 11.21 -19.08
CA LEU B 47 22.05 10.76 -18.11
C LEU B 47 22.95 9.68 -18.71
N ALA B 48 23.57 8.88 -17.85
CA ALA B 48 24.64 7.99 -18.29
C ALA B 48 24.09 6.92 -19.23
N ASP B 49 24.81 6.68 -20.31
CA ASP B 49 24.40 5.65 -21.26
C ASP B 49 24.52 4.27 -20.63
N LEU B 50 23.61 3.39 -21.02
CA LEU B 50 23.81 1.97 -20.77
C LEU B 50 25.14 1.52 -21.33
N GLN B 51 25.74 0.53 -20.67
N GLN B 51 25.75 0.51 -20.70
CA GLN B 51 27.00 -0.05 -21.12
CA GLN B 51 27.03 0.01 -21.20
C GLN B 51 26.81 -0.77 -22.45
C GLN B 51 26.87 -0.84 -22.44
N VAL B 52 25.77 -1.59 -22.55
CA VAL B 52 25.43 -2.34 -23.74
C VAL B 52 24.05 -1.88 -24.18
N PRO B 53 23.83 -1.57 -25.46
CA PRO B 53 22.49 -1.18 -25.90
C PRO B 53 21.53 -2.34 -25.69
N ARG B 54 20.27 -1.99 -25.38
CA ARG B 54 19.30 -3.07 -25.22
C ARG B 54 17.89 -2.54 -25.44
N SER B 55 17.08 -3.40 -26.04
CA SER B 55 15.65 -3.19 -26.17
C SER B 55 14.95 -4.47 -25.75
N GLY B 56 13.65 -4.37 -25.46
CA GLY B 56 12.94 -5.50 -24.90
C GLY B 56 13.32 -5.82 -23.47
N LEU B 57 13.95 -4.88 -22.78
CA LEU B 57 14.32 -5.04 -21.38
C LEU B 57 13.17 -4.57 -20.49
N ALA B 58 13.33 -4.79 -19.19
CA ALA B 58 12.43 -4.20 -18.20
C ALA B 58 13.27 -3.43 -17.20
N GLY B 59 12.63 -2.46 -16.54
CA GLY B 59 13.25 -1.71 -15.47
C GLY B 59 12.52 -1.96 -14.17
N CYS B 60 13.26 -1.83 -13.07
CA CYS B 60 12.65 -1.81 -11.75
C CYS B 60 13.62 -1.09 -10.83
N VAL B 61 13.15 -0.84 -9.60
CA VAL B 61 13.90 -0.11 -8.60
C VAL B 61 13.85 -0.91 -7.31
N VAL B 62 15.02 -1.14 -6.69
CA VAL B 62 15.11 -1.78 -5.39
C VAL B 62 16.20 -1.07 -4.61
N GLY B 63 15.87 -0.52 -3.45
CA GLY B 63 16.83 0.26 -2.71
C GLY B 63 17.18 1.57 -3.40
N GLY B 64 16.21 2.19 -4.07
CA GLY B 64 16.44 3.44 -4.76
C GLY B 64 17.34 3.34 -5.98
N LEU B 65 17.81 2.14 -6.29
CA LEU B 65 18.68 1.91 -7.43
C LEU B 65 17.89 1.31 -8.59
N LEU B 66 18.20 1.78 -9.80
CA LEU B 66 17.48 1.37 -11.00
C LEU B 66 18.19 0.19 -11.66
N TYR B 67 17.43 -0.88 -11.89
CA TYR B 67 17.97 -2.09 -12.51
C TYR B 67 17.42 -2.25 -13.92
N ALA B 68 18.32 -2.61 -14.85
CA ALA B 68 17.98 -2.98 -16.22
C ALA B 68 18.19 -4.48 -16.38
N VAL B 69 17.14 -5.18 -16.83
N VAL B 69 17.17 -5.19 -16.84
CA VAL B 69 17.09 -6.63 -16.85
CA VAL B 69 17.22 -6.65 -16.82
C VAL B 69 16.77 -7.10 -18.26
C VAL B 69 16.74 -7.18 -18.16
N GLY B 70 17.57 -8.04 -18.77
CA GLY B 70 17.18 -8.73 -19.98
C GLY B 70 17.23 -7.84 -21.22
N GLY B 71 16.41 -8.19 -22.21
CA GLY B 71 16.40 -7.47 -23.45
C GLY B 71 17.27 -8.16 -24.49
N ARG B 72 17.65 -7.39 -25.50
CA ARG B 72 18.58 -7.88 -26.51
C ARG B 72 19.22 -6.68 -27.20
N ASN B 73 20.38 -6.91 -27.79
CA ASN B 73 21.07 -5.87 -28.55
C ASN B 73 20.90 -6.18 -30.04
N ASN B 74 19.87 -5.57 -30.63
CA ASN B 74 19.56 -5.72 -32.05
C ASN B 74 20.25 -4.60 -32.83
N SER B 75 21.33 -4.94 -33.56
CA SER B 75 22.20 -3.91 -34.14
C SER B 75 22.60 -4.32 -35.56
N PRO B 76 23.27 -3.45 -36.33
CA PRO B 76 23.69 -3.85 -37.68
C PRO B 76 24.68 -5.00 -37.69
N ASP B 77 25.29 -5.34 -36.56
CA ASP B 77 26.32 -6.38 -36.50
C ASP B 77 25.94 -7.58 -35.66
N GLY B 78 24.71 -7.63 -35.14
CA GLY B 78 24.30 -8.78 -34.34
C GLY B 78 22.90 -8.61 -33.79
N ASN B 79 22.49 -9.62 -33.01
CA ASN B 79 21.15 -9.62 -32.43
C ASN B 79 21.15 -10.49 -31.18
N THR B 80 21.92 -10.09 -30.19
CA THR B 80 22.26 -10.96 -29.07
C THR B 80 21.25 -10.77 -27.94
N ASP B 81 20.50 -11.82 -27.60
CA ASP B 81 19.62 -11.76 -26.44
C ASP B 81 20.44 -11.61 -25.17
N SER B 82 19.88 -10.92 -24.18
CA SER B 82 20.68 -10.54 -23.01
C SER B 82 20.19 -11.24 -21.75
N SER B 83 21.12 -11.82 -21.01
CA SER B 83 20.87 -12.27 -19.65
C SER B 83 21.38 -11.27 -18.61
N ALA B 84 21.78 -10.08 -19.04
CA ALA B 84 22.45 -9.14 -18.17
C ALA B 84 21.48 -8.49 -17.18
N LEU B 85 22.01 -8.18 -16.01
CA LEU B 85 21.37 -7.34 -15.01
C LEU B 85 22.32 -6.18 -14.71
N ASP B 86 21.85 -4.94 -14.90
CA ASP B 86 22.70 -3.77 -14.71
C ASP B 86 22.02 -2.77 -13.77
N CYS B 87 22.82 -2.09 -12.96
CA CYS B 87 22.29 -1.27 -11.87
C CYS B 87 22.78 0.17 -12.00
N TYR B 88 21.85 1.12 -11.99
CA TYR B 88 22.15 2.54 -12.11
C TYR B 88 21.95 3.24 -10.77
N ASN B 89 22.93 4.06 -10.37
CA ASN B 89 22.79 4.85 -9.15
C ASN B 89 22.51 6.30 -9.50
N PRO B 90 21.37 6.86 -9.08
CA PRO B 90 21.13 8.29 -9.34
C PRO B 90 22.15 9.20 -8.70
N MET B 91 22.80 8.76 -7.61
CA MET B 91 23.73 9.62 -6.89
C MET B 91 25.11 9.65 -7.55
N THR B 92 25.53 8.57 -8.20
CA THR B 92 26.83 8.49 -8.86
C THR B 92 26.77 8.56 -10.38
N ASN B 93 25.57 8.49 -10.96
CA ASN B 93 25.42 8.44 -12.42
C ASN B 93 26.26 7.32 -13.02
N GLN B 94 26.37 6.22 -12.28
CA GLN B 94 27.22 5.09 -12.66
C GLN B 94 26.39 3.83 -12.83
N TRP B 95 26.54 3.16 -13.97
CA TRP B 95 26.04 1.81 -14.16
C TRP B 95 27.03 0.79 -13.62
N SER B 96 26.52 -0.23 -12.93
CA SER B 96 27.34 -1.28 -12.36
C SER B 96 26.76 -2.63 -12.75
N PRO B 97 27.59 -3.57 -13.20
CA PRO B 97 27.07 -4.89 -13.58
C PRO B 97 26.82 -5.78 -12.37
N CYS B 98 25.71 -6.51 -12.41
CA CYS B 98 25.35 -7.53 -11.42
C CYS B 98 25.45 -8.91 -12.07
N ALA B 99 25.16 -9.95 -11.29
CA ALA B 99 25.24 -11.30 -11.86
C ALA B 99 24.17 -11.45 -12.95
N PRO B 100 24.47 -12.21 -13.99
CA PRO B 100 23.48 -12.43 -15.06
C PRO B 100 22.50 -13.53 -14.71
N MET B 101 21.35 -13.51 -15.38
CA MET B 101 20.33 -14.51 -15.20
C MET B 101 20.80 -15.86 -15.75
N SER B 102 20.02 -16.91 -15.45
CA SER B 102 20.35 -18.26 -15.90
C SER B 102 20.24 -18.40 -17.42
N VAL B 103 19.38 -17.59 -18.05
CA VAL B 103 19.17 -17.62 -19.51
C VAL B 103 18.90 -16.21 -19.99
N PRO B 104 19.19 -15.94 -21.26
CA PRO B 104 18.78 -14.64 -21.83
C PRO B 104 17.26 -14.55 -21.94
N ARG B 105 16.76 -13.34 -21.74
CA ARG B 105 15.30 -13.11 -21.76
C ARG B 105 15.05 -11.79 -22.50
N ASN B 106 14.82 -11.89 -23.80
CA ASN B 106 14.29 -10.76 -24.58
C ASN B 106 12.78 -10.63 -24.37
N ARG B 107 12.30 -9.39 -24.27
CA ARG B 107 10.87 -9.10 -24.00
C ARG B 107 10.43 -9.78 -22.70
N ILE B 108 11.28 -9.58 -21.69
CA ILE B 108 11.06 -10.05 -20.33
C ILE B 108 10.02 -9.19 -19.63
N GLY B 109 9.46 -9.73 -18.55
CA GLY B 109 8.71 -8.95 -17.58
C GLY B 109 9.34 -9.12 -16.22
N VAL B 110 9.23 -8.08 -15.38
CA VAL B 110 9.81 -8.16 -14.04
C VAL B 110 8.88 -7.54 -13.03
N GLY B 111 9.02 -7.99 -11.78
CA GLY B 111 8.32 -7.40 -10.66
C GLY B 111 9.15 -7.57 -9.42
N VAL B 112 8.89 -6.72 -8.43
CA VAL B 112 9.65 -6.67 -7.19
C VAL B 112 8.74 -7.08 -6.04
N ILE B 113 9.15 -8.10 -5.30
CA ILE B 113 8.48 -8.51 -4.06
C ILE B 113 9.54 -8.63 -2.98
N ASP B 114 9.35 -7.90 -1.88
CA ASP B 114 10.23 -7.96 -0.71
C ASP B 114 11.68 -7.73 -1.10
N GLY B 115 11.90 -6.67 -1.88
CA GLY B 115 13.26 -6.28 -2.26
C GLY B 115 13.98 -7.22 -3.19
N HIS B 116 13.27 -8.18 -3.80
CA HIS B 116 13.85 -9.12 -4.76
C HIS B 116 13.26 -8.86 -6.14
N ILE B 117 14.05 -9.13 -7.17
CA ILE B 117 13.64 -8.95 -8.57
C ILE B 117 13.26 -10.30 -9.14
N TYR B 118 12.05 -10.41 -9.68
CA TYR B 118 11.58 -11.61 -10.35
C TYR B 118 11.64 -11.37 -11.86
N ALA B 119 12.41 -12.19 -12.55
CA ALA B 119 12.49 -12.15 -14.01
C ALA B 119 11.54 -13.20 -14.57
N VAL B 120 10.66 -12.77 -15.48
CA VAL B 120 9.52 -13.57 -15.90
C VAL B 120 9.55 -13.74 -17.42
N GLY B 121 9.60 -14.99 -17.88
CA GLY B 121 9.36 -15.27 -19.28
C GLY B 121 10.41 -14.69 -20.20
N GLY B 122 9.97 -14.21 -21.36
CA GLY B 122 10.91 -13.70 -22.35
C GLY B 122 11.39 -14.80 -23.27
N SER B 123 12.20 -14.40 -24.26
CA SER B 123 12.67 -15.31 -25.29
C SER B 123 14.19 -15.34 -25.36
N HIS B 124 14.71 -16.46 -25.87
CA HIS B 124 16.12 -16.63 -26.25
C HIS B 124 16.06 -17.34 -27.60
N GLY B 125 16.27 -16.59 -28.67
CA GLY B 125 16.11 -17.17 -29.99
C GLY B 125 14.65 -17.58 -30.17
N CYS B 126 14.46 -18.84 -30.56
N CYS B 126 14.44 -18.83 -30.56
CA CYS B 126 13.13 -19.41 -30.77
CA CYS B 126 13.09 -19.33 -30.77
C CYS B 126 12.45 -19.81 -29.47
C CYS B 126 12.52 -20.02 -29.53
N ILE B 127 13.20 -19.95 -28.39
CA ILE B 127 12.69 -20.49 -27.14
C ILE B 127 11.89 -19.41 -26.44
N HIS B 128 10.61 -19.67 -26.18
CA HIS B 128 9.78 -18.78 -25.39
C HIS B 128 9.69 -19.36 -23.99
N HIS B 129 10.21 -18.64 -22.99
CA HIS B 129 10.36 -19.18 -21.65
C HIS B 129 9.03 -19.18 -20.91
N ASN B 130 8.80 -20.24 -20.14
CA ASN B 130 7.85 -20.15 -19.04
C ASN B 130 8.58 -20.09 -17.71
N SER B 131 9.91 -20.16 -17.72
CA SER B 131 10.68 -20.17 -16.48
C SER B 131 10.71 -18.77 -15.87
N VAL B 132 10.95 -18.75 -14.56
CA VAL B 132 11.00 -17.55 -13.74
C VAL B 132 12.20 -17.69 -12.80
N GLU B 133 12.90 -16.58 -12.53
CA GLU B 133 13.98 -16.60 -11.54
C GLU B 133 13.98 -15.32 -10.74
N ARG B 134 14.61 -15.38 -9.57
CA ARG B 134 14.57 -14.33 -8.56
C ARG B 134 15.99 -13.87 -8.19
N TYR B 135 16.18 -12.56 -8.13
CA TYR B 135 17.48 -11.95 -7.81
C TYR B 135 17.45 -11.36 -6.41
N GLU B 136 18.53 -11.57 -5.66
CA GLU B 136 18.66 -11.04 -4.30
C GLU B 136 19.73 -9.97 -4.28
N PRO B 137 19.37 -8.68 -4.25
CA PRO B 137 20.39 -7.63 -4.34
C PRO B 137 21.44 -7.67 -3.23
N GLU B 138 21.02 -7.78 -1.97
CA GLU B 138 21.95 -7.78 -0.84
C GLU B 138 22.88 -8.99 -0.90
N ARG B 139 22.74 -9.81 -1.94
CA ARG B 139 23.54 -11.01 -2.10
C ARG B 139 23.92 -11.31 -3.54
N ASP B 140 23.32 -10.64 -4.53
CA ASP B 140 23.70 -10.74 -5.94
C ASP B 140 23.75 -12.21 -6.39
N GLU B 141 22.59 -12.86 -6.33
CA GLU B 141 22.42 -14.20 -6.87
C GLU B 141 21.03 -14.32 -7.50
N TRP B 142 20.95 -15.11 -8.56
CA TRP B 142 19.69 -15.52 -9.14
C TRP B 142 19.40 -16.96 -8.73
N HIS B 143 18.12 -17.28 -8.60
CA HIS B 143 17.69 -18.64 -8.35
C HIS B 143 16.34 -18.87 -9.03
N LEU B 144 16.20 -20.03 -9.65
CA LEU B 144 15.00 -20.35 -10.40
C LEU B 144 13.85 -20.68 -9.45
N VAL B 145 12.71 -20.00 -9.65
CA VAL B 145 11.50 -20.32 -8.91
C VAL B 145 10.62 -21.18 -9.82
N ALA B 146 9.38 -21.41 -9.40
CA ALA B 146 8.49 -22.28 -10.16
C ALA B 146 8.12 -21.63 -11.50
N PRO B 147 8.06 -22.42 -12.58
CA PRO B 147 7.74 -21.84 -13.89
C PRO B 147 6.26 -21.48 -14.01
N MET B 148 5.97 -20.54 -14.92
CA MET B 148 4.59 -20.22 -15.22
C MET B 148 3.89 -21.41 -15.86
N LEU B 149 2.56 -21.38 -15.82
CA LEU B 149 1.74 -22.33 -16.56
C LEU B 149 1.81 -22.13 -18.06
N THR B 150 2.35 -20.99 -18.49
CA THR B 150 2.28 -20.54 -19.87
C THR B 150 3.66 -19.98 -20.24
N ARG B 151 4.12 -20.33 -21.43
CA ARG B 151 5.27 -19.63 -22.02
C ARG B 151 4.82 -18.24 -22.43
N ARG B 152 5.56 -17.21 -22.00
CA ARG B 152 5.10 -15.84 -22.21
C ARG B 152 6.28 -14.94 -22.50
N ILE B 153 6.30 -14.31 -23.67
CA ILE B 153 7.19 -13.19 -23.93
C ILE B 153 6.31 -11.99 -24.21
N GLY B 154 6.91 -10.79 -24.08
CA GLY B 154 6.07 -9.61 -24.15
C GLY B 154 5.03 -9.60 -23.05
N VAL B 155 5.37 -10.17 -21.90
CA VAL B 155 4.46 -10.39 -20.78
C VAL B 155 4.51 -9.17 -19.87
N GLY B 156 3.35 -8.74 -19.39
CA GLY B 156 3.28 -7.67 -18.41
C GLY B 156 3.31 -8.25 -17.02
N VAL B 157 4.05 -7.60 -16.12
CA VAL B 157 4.17 -8.12 -14.76
C VAL B 157 3.83 -7.02 -13.77
N ALA B 158 3.07 -7.37 -12.74
CA ALA B 158 2.68 -6.44 -11.70
C ALA B 158 2.65 -7.17 -10.36
N VAL B 159 2.91 -6.41 -9.29
CA VAL B 159 2.94 -6.96 -7.93
C VAL B 159 1.86 -6.25 -7.13
N LEU B 160 1.02 -7.03 -6.45
CA LEU B 160 -0.08 -6.46 -5.69
C LEU B 160 -0.33 -7.37 -4.50
N ASN B 161 -0.34 -6.77 -3.31
CA ASN B 161 -0.45 -7.50 -2.04
C ASN B 161 0.56 -8.65 -1.97
N ARG B 162 1.80 -8.36 -2.39
CA ARG B 162 2.90 -9.32 -2.35
C ARG B 162 2.65 -10.56 -3.21
N LEU B 163 1.81 -10.43 -4.23
CA LEU B 163 1.62 -11.48 -5.22
C LEU B 163 2.07 -10.96 -6.56
N LEU B 164 2.64 -11.85 -7.38
CA LEU B 164 3.16 -11.48 -8.69
C LEU B 164 2.21 -11.97 -9.77
N TYR B 165 1.80 -11.05 -10.64
CA TYR B 165 0.87 -11.32 -11.72
C TYR B 165 1.61 -11.26 -13.04
N ALA B 166 1.42 -12.27 -13.88
CA ALA B 166 1.96 -12.28 -15.23
C ALA B 166 0.76 -12.22 -16.16
N VAL B 167 0.76 -11.22 -17.05
CA VAL B 167 -0.47 -10.81 -17.74
C VAL B 167 -0.20 -10.79 -19.25
N GLY B 168 -1.02 -11.50 -20.01
CA GLY B 168 -0.85 -11.42 -21.45
C GLY B 168 0.46 -11.99 -21.97
N GLY B 169 0.85 -11.51 -23.15
CA GLY B 169 2.08 -11.91 -23.78
C GLY B 169 1.83 -12.82 -24.97
N PHE B 170 2.87 -13.53 -25.37
CA PHE B 170 2.89 -14.31 -26.60
C PHE B 170 3.61 -15.63 -26.31
N ASP B 171 2.99 -16.75 -26.68
CA ASP B 171 3.58 -18.04 -26.32
C ASP B 171 4.45 -18.62 -27.43
N GLY B 172 4.60 -17.91 -28.55
CA GLY B 172 5.29 -18.39 -29.71
C GLY B 172 4.38 -18.66 -30.89
N THR B 173 3.08 -18.80 -30.61
CA THR B 173 2.06 -19.13 -31.61
C THR B 173 0.84 -18.25 -31.43
N ASN B 174 0.37 -18.14 -30.18
CA ASN B 174 -0.82 -17.40 -29.82
C ASN B 174 -0.47 -16.22 -28.92
N ARG B 175 -1.10 -15.09 -29.18
CA ARG B 175 -1.12 -14.04 -28.19
C ARG B 175 -2.21 -14.32 -27.17
N LEU B 176 -2.07 -13.74 -25.98
CA LEU B 176 -2.74 -14.24 -24.79
C LEU B 176 -3.57 -13.16 -24.13
N ASN B 177 -4.76 -13.54 -23.66
CA ASN B 177 -5.49 -12.71 -22.71
C ASN B 177 -5.43 -13.30 -21.30
N SER B 178 -4.82 -14.47 -21.14
CA SER B 178 -4.78 -15.09 -19.82
C SER B 178 -3.85 -14.31 -18.90
N ALA B 179 -4.08 -14.47 -17.59
CA ALA B 179 -3.18 -13.95 -16.58
C ALA B 179 -3.05 -15.03 -15.52
N GLU B 180 -1.90 -15.04 -14.85
CA GLU B 180 -1.71 -15.99 -13.77
C GLU B 180 -0.96 -15.31 -12.64
N CYS B 181 -1.11 -15.87 -11.45
CA CYS B 181 -0.69 -15.25 -10.21
C CYS B 181 0.29 -16.18 -9.51
N TYR B 182 1.39 -15.62 -9.01
CA TYR B 182 2.43 -16.38 -8.35
C TYR B 182 2.38 -16.11 -6.86
N TYR B 183 2.31 -17.18 -6.08
CA TYR B 183 2.22 -17.08 -4.63
C TYR B 183 3.57 -17.41 -4.04
N PRO B 184 4.36 -16.41 -3.61
CA PRO B 184 5.72 -16.71 -3.13
C PRO B 184 5.75 -17.70 -1.99
N GLU B 185 4.93 -17.49 -0.96
CA GLU B 185 4.94 -18.37 0.21
C GLU B 185 4.58 -19.82 -0.14
N ARG B 186 4.04 -20.06 -1.34
CA ARG B 186 3.77 -21.42 -1.79
C ARG B 186 4.58 -21.79 -3.03
N ASN B 187 5.34 -20.84 -3.59
CA ASN B 187 6.02 -20.99 -4.87
C ASN B 187 5.17 -21.76 -5.87
N GLU B 188 4.04 -21.17 -6.25
CA GLU B 188 3.05 -21.84 -7.07
C GLU B 188 2.35 -20.80 -7.92
N TRP B 189 2.03 -21.18 -9.14
CA TRP B 189 1.33 -20.31 -10.07
C TRP B 189 -0.12 -20.74 -10.18
N ARG B 190 -1.03 -19.78 -10.15
CA ARG B 190 -2.46 -20.04 -10.32
C ARG B 190 -3.01 -19.13 -11.41
N MET B 191 -3.77 -19.72 -12.33
CA MET B 191 -4.48 -18.95 -13.33
C MET B 191 -5.58 -18.11 -12.66
N ILE B 192 -5.83 -16.92 -13.21
CA ILE B 192 -6.94 -16.07 -12.74
C ILE B 192 -7.86 -15.77 -13.92
N THR B 193 -8.85 -14.92 -13.70
CA THR B 193 -9.76 -14.53 -14.78
C THR B 193 -8.98 -13.88 -15.91
N ALA B 194 -9.28 -14.27 -17.15
CA ALA B 194 -8.58 -13.70 -18.30
C ALA B 194 -9.08 -12.29 -18.57
N MET B 195 -8.19 -11.49 -19.19
CA MET B 195 -8.60 -10.16 -19.65
C MET B 195 -9.67 -10.27 -20.70
N ASN B 196 -10.43 -9.18 -20.87
CA ASN B 196 -11.37 -9.13 -21.98
C ASN B 196 -10.67 -9.15 -23.34
N THR B 197 -9.49 -8.57 -23.42
CA THR B 197 -8.75 -8.40 -24.67
C THR B 197 -7.46 -9.20 -24.67
N ILE B 198 -7.14 -9.81 -25.82
CA ILE B 198 -5.82 -10.41 -26.01
C ILE B 198 -4.78 -9.30 -26.15
N ARG B 199 -3.69 -9.39 -25.38
CA ARG B 199 -2.69 -8.32 -25.34
C ARG B 199 -1.31 -8.92 -25.20
N SER B 200 -0.47 -8.70 -26.20
CA SER B 200 0.96 -8.92 -26.08
C SER B 200 1.67 -7.57 -26.19
N GLY B 201 2.72 -7.41 -25.39
CA GLY B 201 3.45 -6.15 -25.37
C GLY B 201 2.61 -5.00 -24.84
N ALA B 202 1.69 -5.27 -23.91
CA ALA B 202 0.98 -4.21 -23.21
C ALA B 202 1.87 -3.59 -22.14
N GLY B 203 1.45 -2.43 -21.63
CA GLY B 203 2.04 -1.90 -20.41
C GLY B 203 1.18 -2.36 -19.25
N VAL B 204 1.81 -3.00 -18.27
CA VAL B 204 1.10 -3.55 -17.12
C VAL B 204 1.69 -2.96 -15.85
N CYS B 205 0.83 -2.48 -14.95
CA CYS B 205 1.28 -1.83 -13.72
C CYS B 205 0.14 -1.87 -12.71
N VAL B 206 0.48 -1.50 -11.47
CA VAL B 206 -0.49 -1.43 -10.39
C VAL B 206 -0.70 0.02 -10.03
N LEU B 207 -1.95 0.44 -9.95
CA LEU B 207 -2.30 1.79 -9.52
C LEU B 207 -3.54 1.70 -8.65
N HIS B 208 -3.42 2.10 -7.39
CA HIS B 208 -4.55 2.12 -6.45
C HIS B 208 -5.23 0.74 -6.39
N ASN B 209 -4.44 -0.27 -6.04
N ASN B 209 -4.44 -0.27 -6.04
CA ASN B 209 -4.90 -1.63 -5.75
CA ASN B 209 -4.92 -1.62 -5.75
C ASN B 209 -5.61 -2.28 -6.94
C ASN B 209 -5.63 -2.28 -6.93
N CYS B 210 -5.37 -1.82 -8.16
CA CYS B 210 -5.86 -2.48 -9.36
C CYS B 210 -4.70 -2.71 -10.31
N ILE B 211 -4.74 -3.83 -11.02
CA ILE B 211 -3.76 -4.13 -12.05
C ILE B 211 -4.28 -3.57 -13.37
N TYR B 212 -3.53 -2.66 -13.96
CA TYR B 212 -3.90 -2.06 -15.24
C TYR B 212 -3.13 -2.73 -16.36
N ALA B 213 -3.80 -2.90 -17.50
CA ALA B 213 -3.17 -3.40 -18.72
C ALA B 213 -3.54 -2.44 -19.84
N ALA B 214 -2.56 -1.70 -20.35
CA ALA B 214 -2.78 -0.65 -21.34
C ALA B 214 -2.12 -1.04 -22.66
N GLY B 215 -2.89 -0.94 -23.74
CA GLY B 215 -2.33 -1.12 -25.06
C GLY B 215 -1.95 -2.57 -25.31
N GLY B 216 -0.96 -2.73 -26.18
CA GLY B 216 -0.50 -4.03 -26.63
C GLY B 216 -0.96 -4.31 -28.05
N TYR B 217 -0.79 -5.58 -28.42
CA TYR B 217 -1.03 -6.06 -29.77
C TYR B 217 -1.81 -7.36 -29.67
N ASP B 218 -2.90 -7.48 -30.42
CA ASP B 218 -3.76 -8.64 -30.27
C ASP B 218 -3.56 -9.68 -31.37
N GLY B 219 -2.52 -9.53 -32.17
CA GLY B 219 -2.31 -10.39 -33.31
C GLY B 219 -2.67 -9.76 -34.63
N GLN B 220 -3.48 -8.69 -34.64
CA GLN B 220 -3.75 -8.01 -35.90
C GLN B 220 -3.59 -6.50 -35.82
N ASP B 221 -3.85 -5.91 -34.63
N ASP B 221 -3.87 -5.89 -34.66
CA ASP B 221 -3.79 -4.46 -34.48
CA ASP B 221 -3.71 -4.44 -34.53
C ASP B 221 -3.15 -4.10 -33.14
C ASP B 221 -3.16 -4.09 -33.17
N GLN B 222 -2.51 -2.93 -33.11
CA GLN B 222 -2.13 -2.33 -31.84
C GLN B 222 -3.39 -1.77 -31.16
N LEU B 223 -3.36 -1.74 -29.84
CA LEU B 223 -4.53 -1.39 -29.04
C LEU B 223 -4.35 -0.04 -28.35
N ASN B 224 -5.44 0.73 -28.25
CA ASN B 224 -5.48 1.85 -27.33
C ASN B 224 -6.36 1.57 -26.11
N SER B 225 -7.06 0.43 -26.09
CA SER B 225 -7.94 0.13 -24.97
C SER B 225 -7.12 -0.17 -23.73
N VAL B 226 -7.72 0.09 -22.56
CA VAL B 226 -7.08 -0.12 -21.27
C VAL B 226 -8.11 -0.78 -20.36
N GLU B 227 -7.68 -1.81 -19.63
CA GLU B 227 -8.59 -2.45 -18.69
C GLU B 227 -7.87 -2.68 -17.36
N ARG B 228 -8.66 -2.88 -16.31
CA ARG B 228 -8.06 -3.01 -14.99
C ARG B 228 -8.73 -4.14 -14.21
N TYR B 229 -7.92 -4.80 -13.40
CA TYR B 229 -8.30 -5.98 -12.65
C TYR B 229 -8.56 -5.61 -11.21
N ASP B 230 -9.73 -5.96 -10.71
N ASP B 230 -9.74 -5.94 -10.72
CA ASP B 230 -10.10 -5.73 -9.31
CA ASP B 230 -10.09 -5.74 -9.32
C ASP B 230 -10.02 -7.07 -8.60
C ASP B 230 -10.01 -7.09 -8.62
N VAL B 231 -9.04 -7.22 -7.70
CA VAL B 231 -8.82 -8.49 -7.03
C VAL B 231 -10.02 -8.91 -6.19
N ALA B 232 -10.67 -7.94 -5.52
CA ALA B 232 -11.74 -8.30 -4.60
C ALA B 232 -12.91 -8.99 -5.29
N THR B 233 -13.14 -8.68 -6.57
CA THR B 233 -14.24 -9.25 -7.35
C THR B 233 -13.75 -10.13 -8.49
N ALA B 234 -12.44 -10.19 -8.70
CA ALA B 234 -11.83 -10.98 -9.78
C ALA B 234 -12.40 -10.64 -11.15
N THR B 235 -12.68 -9.36 -11.39
CA THR B 235 -13.20 -8.92 -12.68
C THR B 235 -12.25 -7.91 -13.33
N TRP B 236 -12.13 -7.99 -14.65
CA TRP B 236 -11.48 -6.96 -15.46
C TRP B 236 -12.55 -6.00 -16.00
N THR B 237 -12.30 -4.71 -15.89
CA THR B 237 -13.21 -3.69 -16.43
C THR B 237 -12.41 -2.71 -17.28
N PHE B 238 -13.00 -2.25 -18.38
CA PHE B 238 -12.34 -1.26 -19.22
C PHE B 238 -12.40 0.12 -18.56
N VAL B 239 -11.38 0.93 -18.85
CA VAL B 239 -11.39 2.35 -18.49
C VAL B 239 -11.22 3.17 -19.77
N ALA B 240 -10.93 4.45 -19.62
CA ALA B 240 -10.75 5.29 -20.81
C ALA B 240 -9.60 4.77 -21.65
N PRO B 241 -9.72 4.78 -22.97
CA PRO B 241 -8.61 4.36 -23.83
C PRO B 241 -7.62 5.48 -24.08
N MET B 242 -6.38 5.08 -24.37
CA MET B 242 -5.34 6.03 -24.73
C MET B 242 -5.67 6.71 -26.06
N LYS B 243 -5.04 7.87 -26.28
CA LYS B 243 -5.22 8.54 -27.55
C LYS B 243 -4.57 7.78 -28.69
N HIS B 244 -3.39 7.20 -28.46
CA HIS B 244 -2.63 6.54 -29.51
C HIS B 244 -2.46 5.07 -29.16
N ARG B 245 -2.90 4.20 -30.08
CA ARG B 245 -2.60 2.78 -29.99
C ARG B 245 -1.10 2.57 -29.89
N ARG B 246 -0.70 1.53 -29.16
CA ARG B 246 0.72 1.29 -28.95
C ARG B 246 0.93 -0.07 -28.33
N SER B 247 1.96 -0.77 -28.78
CA SER B 247 2.49 -1.94 -28.11
C SER B 247 3.98 -1.69 -27.86
N ALA B 248 4.57 -2.54 -27.02
CA ALA B 248 5.97 -2.40 -26.61
C ALA B 248 6.23 -1.03 -25.98
N LEU B 249 5.31 -0.60 -25.14
CA LEU B 249 5.40 0.66 -24.43
C LEU B 249 6.03 0.47 -23.06
N GLY B 250 6.64 1.52 -22.54
CA GLY B 250 7.02 1.57 -21.15
C GLY B 250 5.87 2.12 -20.32
N ILE B 251 5.83 1.74 -19.05
CA ILE B 251 4.73 2.15 -18.20
C ILE B 251 5.23 2.26 -16.77
N THR B 252 4.73 3.25 -16.06
CA THR B 252 5.02 3.41 -14.64
C THR B 252 3.96 4.32 -14.05
N VAL B 253 3.86 4.31 -12.73
CA VAL B 253 2.97 5.21 -12.00
C VAL B 253 3.83 6.24 -11.29
N HIS B 254 3.45 7.51 -11.45
CA HIS B 254 4.10 8.61 -10.75
C HIS B 254 3.00 9.46 -10.13
N GLN B 255 3.02 9.57 -8.80
CA GLN B 255 2.13 10.48 -8.07
C GLN B 255 0.67 10.14 -8.36
N GLY B 256 0.33 8.85 -8.29
CA GLY B 256 -1.03 8.42 -8.49
C GLY B 256 -1.54 8.56 -9.90
N ARG B 257 -0.65 8.74 -10.88
CA ARG B 257 -1.01 8.79 -12.29
C ARG B 257 -0.21 7.75 -13.03
N ILE B 258 -0.80 7.17 -14.09
CA ILE B 258 -0.07 6.24 -14.95
C ILE B 258 0.53 7.02 -16.10
N TYR B 259 1.79 6.74 -16.40
CA TYR B 259 2.46 7.30 -17.56
C TYR B 259 2.82 6.15 -18.50
N VAL B 260 2.45 6.28 -19.77
CA VAL B 260 2.90 5.36 -20.81
C VAL B 260 3.88 6.10 -21.73
N LEU B 261 4.93 5.41 -22.15
CA LEU B 261 6.06 6.03 -22.83
C LEU B 261 6.34 5.30 -24.12
N GLY B 262 6.17 5.99 -25.25
CA GLY B 262 6.66 5.48 -26.52
C GLY B 262 5.90 4.26 -27.00
N GLY B 263 6.61 3.35 -27.64
CA GLY B 263 6.03 2.17 -28.23
C GLY B 263 5.89 2.29 -29.72
N TYR B 264 5.32 1.25 -30.32
CA TYR B 264 5.09 1.19 -31.76
C TYR B 264 3.59 1.13 -32.01
N ASP B 265 3.09 1.98 -32.90
CA ASP B 265 1.65 2.10 -33.13
C ASP B 265 1.18 1.39 -34.39
N GLY B 266 2.01 0.55 -34.99
CA GLY B 266 1.69 -0.10 -36.24
C GLY B 266 2.28 0.57 -37.46
N HIS B 267 2.58 1.86 -37.36
CA HIS B 267 3.20 2.61 -38.45
C HIS B 267 4.53 3.23 -38.05
N THR B 268 4.57 3.92 -36.91
CA THR B 268 5.76 4.66 -36.49
C THR B 268 6.10 4.37 -35.04
N PHE B 269 7.32 4.73 -34.67
CA PHE B 269 7.81 4.68 -33.30
C PHE B 269 7.40 5.95 -32.58
N LEU B 270 6.60 5.82 -31.54
CA LEU B 270 6.04 6.99 -30.87
C LEU B 270 7.03 7.59 -29.89
N ASP B 271 7.08 8.93 -29.88
CA ASP B 271 7.68 9.66 -28.77
C ASP B 271 6.62 10.18 -27.82
N SER B 272 5.34 9.95 -28.13
CA SER B 272 4.23 10.41 -27.30
C SER B 272 4.27 9.78 -25.91
N VAL B 273 4.05 10.60 -24.90
CA VAL B 273 3.93 10.17 -23.51
C VAL B 273 2.56 10.62 -23.02
N GLU B 274 1.67 9.66 -22.77
CA GLU B 274 0.32 9.94 -22.29
C GLU B 274 0.25 9.70 -20.79
N CYS B 275 -0.68 10.41 -20.14
CA CYS B 275 -0.80 10.35 -18.68
C CYS B 275 -2.27 10.15 -18.32
N TYR B 276 -2.53 9.10 -17.54
CA TYR B 276 -3.88 8.75 -17.13
C TYR B 276 -4.11 9.21 -15.70
N ASP B 277 -5.14 10.04 -15.50
CA ASP B 277 -5.55 10.41 -14.16
C ASP B 277 -6.76 9.58 -13.78
N PRO B 278 -6.68 8.75 -12.73
CA PRO B 278 -7.80 7.85 -12.43
C PRO B 278 -9.01 8.57 -11.88
N ASP B 279 -8.83 9.73 -11.26
CA ASP B 279 -9.98 10.49 -10.78
C ASP B 279 -10.83 10.98 -11.94
N THR B 280 -10.20 11.37 -13.04
CA THR B 280 -10.93 11.85 -14.21
C THR B 280 -11.28 10.74 -15.20
N ASP B 281 -10.55 9.62 -15.17
CA ASP B 281 -10.64 8.59 -16.20
C ASP B 281 -10.51 9.19 -17.60
N THR B 282 -9.45 9.98 -17.78
CA THR B 282 -9.08 10.46 -19.11
C THR B 282 -7.55 10.45 -19.25
N TRP B 283 -7.12 10.44 -20.51
CA TRP B 283 -5.71 10.56 -20.87
C TRP B 283 -5.50 11.85 -21.65
N SER B 284 -4.25 12.31 -21.66
CA SER B 284 -3.75 13.22 -22.70
C SER B 284 -2.23 13.28 -22.58
N GLU B 285 -1.59 13.82 -23.61
CA GLU B 285 -0.14 13.79 -23.71
C GLU B 285 0.49 14.73 -22.69
N VAL B 286 1.34 14.17 -21.83
CA VAL B 286 2.05 15.00 -20.85
C VAL B 286 3.39 15.48 -21.38
N THR B 287 3.99 14.73 -22.30
CA THR B 287 5.29 15.08 -22.85
C THR B 287 5.48 14.36 -24.17
N ARG B 288 6.59 14.67 -24.83
CA ARG B 288 7.07 13.91 -25.99
C ARG B 288 8.50 13.50 -25.68
N MET B 289 8.80 12.22 -25.88
CA MET B 289 10.16 11.76 -25.68
C MET B 289 11.11 12.50 -26.62
N THR B 290 12.39 12.55 -26.24
CA THR B 290 13.37 13.23 -27.09
C THR B 290 13.49 12.56 -28.45
N SER B 291 13.10 11.30 -28.56
CA SER B 291 13.04 10.58 -29.83
C SER B 291 12.10 9.39 -29.65
N GLY B 292 11.38 9.04 -30.71
CA GLY B 292 10.50 7.88 -30.65
C GLY B 292 11.28 6.59 -30.53
N ARG B 293 10.70 5.64 -29.81
CA ARG B 293 11.37 4.37 -29.54
C ARG B 293 10.36 3.41 -28.94
N SER B 294 10.64 2.12 -29.06
CA SER B 294 9.81 1.07 -28.48
C SER B 294 10.68 0.20 -27.59
N GLY B 295 10.02 -0.60 -26.75
CA GLY B 295 10.70 -1.61 -25.95
C GLY B 295 11.62 -1.08 -24.86
N VAL B 296 11.22 -0.02 -24.18
CA VAL B 296 12.06 0.58 -23.15
C VAL B 296 11.81 -0.12 -21.82
N GLY B 297 12.73 0.05 -20.89
CA GLY B 297 12.49 -0.24 -19.49
C GLY B 297 12.26 1.06 -18.75
N VAL B 298 11.25 1.08 -17.88
CA VAL B 298 10.82 2.30 -17.21
C VAL B 298 10.62 2.03 -15.72
N ALA B 299 11.05 2.97 -14.89
CA ALA B 299 10.83 2.87 -13.45
C ALA B 299 11.02 4.26 -12.86
N VAL B 300 10.58 4.42 -11.61
CA VAL B 300 10.56 5.72 -10.95
C VAL B 300 11.45 5.65 -9.71
N THR B 301 12.32 6.66 -9.56
CA THR B 301 13.08 6.84 -8.32
C THR B 301 13.76 8.20 -8.26
N MET B 302 14.81 8.30 -7.44
CA MET B 302 15.50 9.54 -7.05
C MET B 302 15.73 10.56 -8.15
N GLU B 303 15.72 11.83 -7.77
CA GLU B 303 16.41 12.83 -8.57
C GLU B 303 17.90 12.53 -8.57
N PRO B 304 18.57 12.65 -9.71
CA PRO B 304 20.03 12.49 -9.71
C PRO B 304 20.70 13.72 -9.11
N SER B 305 21.73 13.47 -8.30
CA SER B 305 22.46 14.55 -7.64
C SER B 305 23.29 15.36 -8.62
N TRP C 2 8.24 -12.13 -41.67
CA TRP C 2 7.96 -10.70 -41.83
C TRP C 2 9.23 -9.89 -41.55
N ARG C 3 9.39 -8.77 -42.27
CA ARG C 3 10.62 -8.00 -42.16
C ARG C 3 10.73 -7.28 -40.82
N CYS C 4 9.60 -6.89 -40.21
CA CYS C 4 9.59 -6.20 -38.94
C CYS C 4 8.64 -6.91 -37.97
N ASN C 5 9.05 -7.01 -36.71
CA ASN C 5 8.20 -7.59 -35.67
C ASN C 5 6.97 -6.71 -35.50
N PRO C 6 5.76 -7.24 -35.69
CA PRO C 6 4.58 -6.38 -35.66
C PRO C 6 4.36 -5.71 -34.31
N GLU C 7 4.83 -6.32 -33.22
CA GLU C 7 4.58 -5.77 -31.89
C GLU C 7 5.58 -4.70 -31.50
N THR C 8 6.82 -4.81 -31.97
CA THR C 8 7.88 -3.97 -31.45
C THR C 8 8.48 -3.08 -32.55
N GLU C 10 10.82 -4.01 -34.38
CA GLU C 10 12.24 -4.37 -34.55
C GLU C 10 12.44 -5.14 -35.84
N CYS C 11 13.54 -4.81 -36.51
CA CYS C 11 13.96 -5.50 -37.73
CA CYS C 11 13.95 -5.50 -37.73
C CYS C 11 14.35 -6.93 -37.40
#